data_8IF7
#
_entry.id   8IF7
#
_cell.length_a   64.649
_cell.length_b   64.649
_cell.length_c   84.189
_cell.angle_alpha   90.00
_cell.angle_beta   90.00
_cell.angle_gamma   90.00
#
_symmetry.space_group_name_H-M   'P 43'
#
loop_
_entity.id
_entity.type
_entity.pdbx_description
1 polymer CmnB
2 non-polymer '2-[({3-HYDROXY-2-METHYL-5-[(PHOSPHONOOXY)METHYL]PYRIDIN-4-YL}METHYL)AMINO]ACRYLIC ACID'
3 water water
#
_entity_poly.entity_id   1
_entity_poly.type   'polypeptide(L)'
_entity_poly.pdbx_seq_one_letter_code
;MGSSHHHHHHSSGLVPRGSHMMLSTVDPAAELSTTAAEVLEHVDAAVAAYPEVPIARVRVEVAGIPRTLLLKLEGRSPWR
SIKGRTALGLVRSIAPRMASRDVTVVESTSGNLGVALSAICRDLGLPFVAVVDLKQSPVIQAAIEANGARLEVVRTPAAA
TTHLLDRLDRVRKLVAEIPGAVWPNQYENDANRHVHETWTAPEIDRQVGGEAQAVFVAVSTGGTLAGLAAHFRRARPATR
LVAVDVEGSTVFGGVPGGRVLTGIGASRRSTFLTRAECDDLVYVREAAAIAACHVLRADTGIAVGGSSGAVVAGALDHLA
AHPGLTTAVCVCADLGENYARTVYDPDWLAPLRLTDDPGLLRSRLRGARFHHAEPDTGQESTP
;
_entity_poly.pdbx_strand_id   A
#
# COMPACT_ATOMS: atom_id res chain seq x y z
N LEU A 32 24.60 -2.43 -22.02
CA LEU A 32 23.14 -2.77 -22.00
C LEU A 32 22.83 -3.78 -23.11
N SER A 33 22.23 -4.92 -22.75
CA SER A 33 21.69 -5.84 -23.74
C SER A 33 20.55 -5.16 -24.49
N THR A 34 19.97 -5.87 -25.48
CA THR A 34 18.88 -5.32 -26.27
C THR A 34 17.63 -5.24 -25.40
N THR A 35 17.24 -6.36 -24.78
CA THR A 35 16.10 -6.43 -23.89
C THR A 35 16.18 -5.36 -22.79
N ALA A 36 17.38 -5.10 -22.27
CA ALA A 36 17.52 -4.20 -21.13
C ALA A 36 17.29 -2.75 -21.54
N ALA A 37 17.73 -2.40 -22.76
CA ALA A 37 17.65 -1.03 -23.24
C ALA A 37 16.19 -0.63 -23.43
N GLU A 38 15.40 -1.62 -23.90
CA GLU A 38 14.01 -1.41 -24.26
C GLU A 38 13.22 -1.19 -22.96
N VAL A 39 13.34 -2.18 -22.04
CA VAL A 39 12.69 -2.16 -20.73
C VAL A 39 12.91 -0.80 -20.10
N LEU A 40 14.18 -0.37 -20.02
CA LEU A 40 14.49 0.94 -19.45
C LEU A 40 13.67 2.03 -20.14
N GLU A 41 13.50 1.91 -21.46
CA GLU A 41 12.86 2.97 -22.21
C GLU A 41 11.36 2.96 -21.93
N HIS A 42 10.78 1.75 -21.84
CA HIS A 42 9.37 1.59 -21.54
C HIS A 42 9.09 2.21 -20.16
N VAL A 43 9.91 1.84 -19.17
CA VAL A 43 9.77 2.32 -17.80
C VAL A 43 9.81 3.86 -17.79
N ASP A 44 10.71 4.47 -18.56
CA ASP A 44 10.84 5.95 -18.52
C ASP A 44 9.63 6.61 -19.20
N ALA A 45 9.02 5.93 -20.16
CA ALA A 45 7.82 6.40 -20.83
C ALA A 45 6.64 6.36 -19.86
N ALA A 46 6.54 5.25 -19.11
CA ALA A 46 5.46 5.09 -18.14
C ALA A 46 5.52 6.21 -17.10
N VAL A 47 6.74 6.60 -16.70
CA VAL A 47 6.98 7.59 -15.67
C VAL A 47 6.65 9.00 -16.17
N ALA A 48 7.02 9.32 -17.42
CA ALA A 48 6.67 10.61 -18.01
C ALA A 48 5.16 10.73 -18.22
N ALA A 49 4.50 9.59 -18.52
CA ALA A 49 3.08 9.50 -18.77
C ALA A 49 2.25 9.22 -17.51
N TYR A 50 2.89 8.96 -16.36
CA TYR A 50 2.13 8.67 -15.14
C TYR A 50 1.38 9.94 -14.73
N PRO A 51 0.05 9.87 -14.48
CA PRO A 51 -0.69 11.05 -14.05
C PRO A 51 -0.27 11.52 -12.67
N GLU A 52 -0.56 12.79 -12.39
CA GLU A 52 -0.47 13.35 -11.05
C GLU A 52 -1.62 12.75 -10.24
N VAL A 53 -1.31 12.25 -9.04
CA VAL A 53 -2.33 11.63 -8.21
C VAL A 53 -3.08 12.73 -7.44
N PRO A 54 -4.43 12.76 -7.52
CA PRO A 54 -5.21 13.82 -6.86
C PRO A 54 -5.25 13.70 -5.35
N ILE A 55 -5.63 14.81 -4.70
CA ILE A 55 -5.90 14.88 -3.29
C ILE A 55 -7.37 15.28 -3.12
N ALA A 56 -8.11 14.50 -2.32
CA ALA A 56 -9.43 14.92 -1.89
C ALA A 56 -9.27 15.57 -0.53
N ARG A 57 -9.92 16.74 -0.37
CA ARG A 57 -9.87 17.50 0.87
C ARG A 57 -11.15 17.18 1.63
N VAL A 58 -10.99 16.66 2.86
CA VAL A 58 -12.09 16.20 3.69
C VAL A 58 -11.97 16.84 5.06
N ARG A 59 -13.10 17.25 5.63
CA ARG A 59 -13.11 17.80 6.97
C ARG A 59 -13.80 16.82 7.93
N VAL A 60 -13.26 16.73 9.14
CA VAL A 60 -13.86 15.94 10.21
C VAL A 60 -13.48 16.58 11.56
N GLU A 61 -14.48 16.75 12.42
CA GLU A 61 -14.30 17.22 13.79
C GLU A 61 -13.76 16.09 14.67
N VAL A 62 -12.62 16.34 15.32
CA VAL A 62 -12.05 15.35 16.23
C VAL A 62 -11.84 16.00 17.59
N ALA A 63 -12.51 15.46 18.62
CA ALA A 63 -12.42 15.93 19.99
C ALA A 63 -12.66 17.44 20.03
N GLY A 64 -13.78 17.87 19.42
CA GLY A 64 -14.19 19.26 19.47
C GLY A 64 -13.45 20.16 18.49
N ILE A 65 -12.42 19.64 17.79
CA ILE A 65 -11.58 20.48 16.96
C ILE A 65 -11.66 20.02 15.51
N PRO A 66 -12.07 20.91 14.57
CA PRO A 66 -12.08 20.60 13.14
C PRO A 66 -10.69 20.32 12.59
N ARG A 67 -10.68 19.31 11.73
CA ARG A 67 -9.43 18.88 11.09
C ARG A 67 -9.67 18.68 9.60
N THR A 68 -8.66 18.92 8.79
CA THR A 68 -8.68 18.63 7.35
C THR A 68 -7.80 17.42 7.09
N LEU A 69 -8.35 16.40 6.42
CA LEU A 69 -7.60 15.26 5.93
C LEU A 69 -7.40 15.43 4.43
N LEU A 70 -6.14 15.38 4.00
CA LEU A 70 -5.78 15.46 2.61
C LEU A 70 -5.52 14.05 2.12
N LEU A 71 -6.52 13.45 1.46
CA LEU A 71 -6.44 12.06 1.06
C LEU A 71 -5.76 11.97 -0.29
N LYS A 72 -4.53 11.44 -0.26
CA LYS A 72 -3.74 11.24 -1.47
C LYS A 72 -4.18 9.93 -2.13
N LEU A 73 -4.94 10.04 -3.22
CA LEU A 73 -5.71 8.93 -3.78
C LEU A 73 -4.92 8.18 -4.84
N GLU A 74 -3.94 7.39 -4.38
CA GLU A 74 -2.96 6.71 -5.24
C GLU A 74 -3.59 5.58 -6.05
N GLY A 75 -4.82 5.19 -5.69
CA GLY A 75 -5.57 4.27 -6.54
C GLY A 75 -6.02 4.89 -7.88
N ARG A 76 -6.01 6.23 -7.99
CA ARG A 76 -6.31 6.94 -9.26
C ARG A 76 -5.00 6.94 -10.04
N SER A 77 -4.77 5.87 -10.79
CA SER A 77 -3.45 5.63 -11.34
C SER A 77 -3.54 4.42 -12.25
N PRO A 78 -2.59 4.20 -13.19
CA PRO A 78 -2.78 3.20 -14.22
C PRO A 78 -3.07 1.79 -13.69
N TRP A 79 -2.38 1.37 -12.62
CA TRP A 79 -2.52 0.03 -12.07
C TRP A 79 -3.21 0.04 -10.70
N ARG A 80 -3.85 1.18 -10.35
CA ARG A 80 -4.93 1.25 -9.37
C ARG A 80 -4.39 1.16 -7.94
N SER A 81 -3.09 1.46 -7.77
CA SER A 81 -2.46 1.58 -6.48
C SER A 81 -1.17 2.39 -6.58
N ILE A 82 -0.67 2.78 -5.40
CA ILE A 82 0.66 3.36 -5.21
C ILE A 82 1.77 2.44 -5.75
N LYS A 83 1.52 1.13 -5.81
CA LYS A 83 2.58 0.19 -6.14
C LYS A 83 2.94 0.25 -7.63
N GLY A 84 2.21 1.08 -8.39
CA GLY A 84 2.59 1.34 -9.77
C GLY A 84 3.92 2.06 -9.81
N ARG A 85 4.14 2.94 -8.85
CA ARG A 85 5.43 3.66 -8.74
C ARG A 85 6.49 2.68 -8.24
N THR A 86 6.15 1.90 -7.22
CA THR A 86 7.08 0.90 -6.68
C THR A 86 7.53 -0.01 -7.82
N ALA A 87 6.57 -0.50 -8.60
CA ALA A 87 6.80 -1.52 -9.62
C ALA A 87 7.74 -1.00 -10.71
N LEU A 88 7.62 0.27 -11.05
CA LEU A 88 8.46 0.90 -12.06
C LEU A 88 9.88 1.08 -11.53
N GLY A 89 9.98 1.50 -10.26
CA GLY A 89 11.26 1.57 -9.58
C GLY A 89 11.98 0.23 -9.64
N LEU A 90 11.24 -0.85 -9.35
CA LEU A 90 11.81 -2.18 -9.24
C LEU A 90 12.21 -2.72 -10.61
N VAL A 91 11.32 -2.55 -11.60
CA VAL A 91 11.59 -3.05 -12.93
C VAL A 91 12.83 -2.33 -13.48
N ARG A 92 12.91 -1.03 -13.22
CA ARG A 92 14.07 -0.27 -13.63
C ARG A 92 15.34 -0.90 -13.05
N SER A 93 15.31 -1.31 -11.77
CA SER A 93 16.51 -1.78 -11.09
C SER A 93 16.94 -3.14 -11.64
N ILE A 94 16.00 -3.98 -12.10
CA ILE A 94 16.32 -5.32 -12.57
C ILE A 94 16.51 -5.38 -14.10
N ALA A 95 16.31 -4.27 -14.82
CA ALA A 95 16.48 -4.26 -16.27
C ALA A 95 17.90 -4.71 -16.64
N PRO A 96 18.99 -4.07 -16.14
CA PRO A 96 20.35 -4.44 -16.54
C PRO A 96 20.70 -5.92 -16.36
N ARG A 97 19.98 -6.65 -15.48
CA ARG A 97 20.15 -8.09 -15.33
C ARG A 97 19.52 -8.87 -16.47
N MET A 98 18.90 -8.19 -17.45
CA MET A 98 18.17 -8.88 -18.50
C MET A 98 19.03 -8.98 -19.77
N ALA A 99 19.56 -10.19 -20.03
CA ALA A 99 20.28 -10.43 -21.27
C ALA A 99 19.28 -10.43 -22.43
N SER A 100 18.38 -11.42 -22.46
CA SER A 100 17.42 -11.58 -23.53
C SER A 100 15.99 -11.40 -23.01
N ARG A 101 15.02 -11.88 -23.80
CA ARG A 101 13.62 -11.93 -23.39
C ARG A 101 13.28 -13.28 -22.79
N ASP A 102 14.31 -14.09 -22.48
CA ASP A 102 14.12 -15.36 -21.77
C ASP A 102 13.54 -15.09 -20.38
N VAL A 103 14.00 -14.01 -19.77
CA VAL A 103 13.74 -13.70 -18.37
C VAL A 103 12.28 -13.97 -18.02
N THR A 104 12.08 -14.68 -16.90
CA THR A 104 10.81 -14.71 -16.18
C THR A 104 10.91 -13.82 -14.95
N VAL A 105 9.91 -12.97 -14.74
CA VAL A 105 9.88 -12.15 -13.55
C VAL A 105 9.04 -12.87 -12.50
N VAL A 106 9.63 -13.07 -11.32
CA VAL A 106 8.95 -13.67 -10.19
C VAL A 106 8.93 -12.68 -9.04
N GLU A 107 7.79 -12.60 -8.34
CA GLU A 107 7.70 -11.79 -7.13
C GLU A 107 6.57 -12.28 -6.22
N SER A 108 6.81 -12.13 -4.93
CA SER A 108 5.81 -12.27 -3.87
C SER A 108 5.03 -10.96 -3.70
N THR A 109 3.70 -11.09 -3.51
CA THR A 109 2.83 -9.94 -3.34
C THR A 109 1.62 -10.29 -2.47
N SER A 110 1.18 -9.28 -1.71
CA SER A 110 -0.13 -9.26 -1.07
C SER A 110 -1.21 -8.93 -2.09
N GLY A 111 -0.81 -8.42 -3.27
CA GLY A 111 -1.79 -8.07 -4.28
C GLY A 111 -1.33 -6.97 -5.23
N ASN A 112 -1.25 -5.72 -4.71
CA ASN A 112 -1.14 -4.55 -5.56
C ASN A 112 0.13 -4.57 -6.42
N LEU A 113 1.27 -5.01 -5.84
CA LEU A 113 2.52 -5.00 -6.60
C LEU A 113 2.39 -6.00 -7.74
N GLY A 114 1.73 -7.13 -7.45
CA GLY A 114 1.38 -8.11 -8.46
C GLY A 114 0.73 -7.51 -9.70
N VAL A 115 -0.32 -6.70 -9.48
CA VAL A 115 -1.11 -6.10 -10.55
C VAL A 115 -0.20 -5.24 -11.43
N ALA A 116 0.62 -4.38 -10.81
CA ALA A 116 1.47 -3.44 -11.52
C ALA A 116 2.60 -4.17 -12.24
N LEU A 117 3.29 -5.10 -11.56
CA LEU A 117 4.35 -5.83 -12.22
C LEU A 117 3.76 -6.69 -13.33
N SER A 118 2.61 -7.29 -13.03
CA SER A 118 1.84 -8.09 -13.96
C SER A 118 1.53 -7.33 -15.25
N ALA A 119 1.11 -6.06 -15.09
CA ALA A 119 0.70 -5.27 -16.21
C ALA A 119 1.93 -4.84 -17.02
N ILE A 120 2.98 -4.39 -16.31
CA ILE A 120 4.18 -3.93 -17.00
C ILE A 120 4.76 -5.07 -17.84
N CYS A 121 4.73 -6.30 -17.29
CA CYS A 121 5.34 -7.45 -17.92
C CYS A 121 4.49 -7.88 -19.14
N ARG A 122 3.16 -7.87 -19.01
CA ARG A 122 2.24 -8.04 -20.14
C ARG A 122 2.57 -7.04 -21.26
N ASP A 123 2.75 -5.76 -20.90
CA ASP A 123 3.02 -4.70 -21.86
C ASP A 123 4.37 -4.90 -22.56
N LEU A 124 5.29 -5.60 -21.89
CA LEU A 124 6.65 -5.77 -22.37
C LEU A 124 6.80 -7.14 -23.03
N GLY A 125 5.84 -8.05 -22.83
CA GLY A 125 5.91 -9.39 -23.37
C GLY A 125 6.73 -10.35 -22.52
N LEU A 126 7.04 -9.96 -21.29
CA LEU A 126 7.86 -10.80 -20.41
C LEU A 126 6.95 -11.62 -19.50
N PRO A 127 7.19 -12.94 -19.33
CA PRO A 127 6.35 -13.74 -18.44
C PRO A 127 6.60 -13.33 -16.99
N PHE A 128 5.56 -13.47 -16.16
CA PHE A 128 5.55 -12.99 -14.80
C PHE A 128 4.85 -14.02 -13.93
N VAL A 129 5.50 -14.43 -12.84
CA VAL A 129 4.89 -15.36 -11.91
C VAL A 129 4.61 -14.61 -10.61
N ALA A 130 3.35 -14.61 -10.17
CA ALA A 130 2.97 -13.90 -8.97
C ALA A 130 2.80 -14.92 -7.87
N VAL A 131 3.63 -14.81 -6.82
CA VAL A 131 3.51 -15.68 -5.67
C VAL A 131 2.56 -15.01 -4.68
N VAL A 132 1.46 -15.68 -4.40
CA VAL A 132 0.35 -15.13 -3.65
C VAL A 132 -0.05 -16.15 -2.59
N ASP A 133 -0.91 -15.75 -1.66
CA ASP A 133 -1.49 -16.65 -0.68
C ASP A 133 -3.02 -16.57 -0.78
N LEU A 134 -3.70 -17.35 0.08
CA LEU A 134 -5.15 -17.48 0.04
C LEU A 134 -5.89 -16.28 0.64
N LYS A 135 -5.17 -15.37 1.30
CA LYS A 135 -5.81 -14.20 1.90
C LYS A 135 -6.01 -13.07 0.88
N GLN A 136 -5.37 -13.18 -0.29
CA GLN A 136 -5.41 -12.11 -1.29
C GLN A 136 -6.85 -11.76 -1.62
N SER A 137 -7.13 -10.45 -1.70
CA SER A 137 -8.37 -9.94 -2.27
C SER A 137 -8.67 -10.62 -3.60
N PRO A 138 -9.85 -11.26 -3.75
CA PRO A 138 -10.27 -11.80 -5.05
C PRO A 138 -10.26 -10.80 -6.20
N VAL A 139 -10.64 -9.54 -5.94
CA VAL A 139 -10.64 -8.56 -7.02
C VAL A 139 -9.22 -8.35 -7.52
N ILE A 140 -8.26 -8.23 -6.59
CA ILE A 140 -6.88 -7.99 -6.99
C ILE A 140 -6.34 -9.23 -7.69
N GLN A 141 -6.72 -10.43 -7.20
CA GLN A 141 -6.25 -11.67 -7.80
C GLN A 141 -6.75 -11.77 -9.24
N ALA A 142 -7.99 -11.32 -9.48
CA ALA A 142 -8.59 -11.40 -10.81
C ALA A 142 -7.89 -10.45 -11.77
N ALA A 143 -7.49 -9.26 -11.29
CA ALA A 143 -6.77 -8.28 -12.11
C ALA A 143 -5.35 -8.79 -12.46
N ILE A 144 -4.75 -9.62 -11.59
CA ILE A 144 -3.45 -10.23 -11.88
C ILE A 144 -3.57 -11.30 -12.97
N GLU A 145 -4.58 -12.17 -12.88
CA GLU A 145 -4.82 -13.22 -13.86
C GLU A 145 -5.10 -12.61 -15.24
N ALA A 146 -5.93 -11.57 -15.25
CA ALA A 146 -6.34 -10.88 -16.47
C ALA A 146 -5.15 -10.24 -17.20
N ASN A 147 -4.02 -10.07 -16.49
CA ASN A 147 -2.81 -9.53 -17.09
C ASN A 147 -1.93 -10.68 -17.60
N GLY A 148 -2.41 -11.91 -17.42
CA GLY A 148 -1.79 -13.08 -18.01
C GLY A 148 -0.60 -13.59 -17.19
N ALA A 149 -0.54 -13.23 -15.90
CA ALA A 149 0.52 -13.70 -15.03
C ALA A 149 0.24 -15.14 -14.63
N ARG A 150 1.28 -15.88 -14.23
CA ARG A 150 1.08 -17.18 -13.60
C ARG A 150 0.99 -16.97 -12.09
N LEU A 151 -0.12 -17.40 -11.49
CA LEU A 151 -0.31 -17.43 -10.04
C LEU A 151 0.26 -18.71 -9.44
N GLU A 152 1.26 -18.55 -8.56
CA GLU A 152 1.69 -19.60 -7.65
C GLU A 152 1.06 -19.37 -6.27
N VAL A 153 -0.05 -20.04 -6.00
CA VAL A 153 -0.73 -19.91 -4.72
C VAL A 153 0.01 -20.74 -3.68
N VAL A 154 0.08 -20.19 -2.46
CA VAL A 154 0.69 -20.82 -1.31
C VAL A 154 -0.46 -21.25 -0.39
N ARG A 155 -0.33 -22.45 0.20
CA ARG A 155 -1.44 -23.18 0.78
C ARG A 155 -1.59 -22.90 2.28
N THR A 156 -0.81 -21.94 2.81
CA THR A 156 -0.89 -21.57 4.22
C THR A 156 -2.35 -21.29 4.61
N PRO A 157 -2.88 -21.94 5.68
CA PRO A 157 -4.28 -21.78 6.08
C PRO A 157 -4.56 -20.41 6.69
N ALA A 158 -5.59 -19.73 6.16
CA ALA A 158 -5.99 -18.41 6.62
C ALA A 158 -6.17 -18.44 8.14
N ALA A 159 -5.31 -17.72 8.85
CA ALA A 159 -5.24 -17.64 10.31
C ALA A 159 -4.04 -18.42 10.86
N ALA A 160 -3.09 -18.80 9.98
CA ALA A 160 -1.69 -18.99 10.37
C ALA A 160 -1.00 -17.64 10.29
N THR A 161 0.27 -17.55 10.70
CA THR A 161 0.99 -16.28 10.69
C THR A 161 2.25 -16.32 9.81
N THR A 162 2.37 -17.32 8.92
CA THR A 162 3.62 -17.58 8.21
C THR A 162 3.48 -17.28 6.71
N HIS A 163 2.37 -16.65 6.32
CA HIS A 163 1.99 -16.45 4.92
C HIS A 163 3.14 -15.81 4.14
N LEU A 164 3.66 -14.70 4.67
CA LEU A 164 4.71 -13.95 4.00
C LEU A 164 6.00 -14.75 3.86
N LEU A 165 6.36 -15.50 4.93
CA LEU A 165 7.62 -16.23 4.98
C LEU A 165 7.51 -17.41 4.01
N ASP A 166 6.30 -17.97 3.92
CA ASP A 166 6.00 -19.08 3.03
C ASP A 166 6.03 -18.59 1.58
N ARG A 167 5.59 -17.35 1.35
CA ARG A 167 5.65 -16.76 0.02
C ARG A 167 7.11 -16.57 -0.40
N LEU A 168 7.92 -15.93 0.45
CA LEU A 168 9.34 -15.72 0.20
C LEU A 168 10.05 -17.07 -0.02
N ASP A 169 9.62 -18.07 0.75
CA ASP A 169 10.13 -19.42 0.67
C ASP A 169 9.95 -19.96 -0.74
N ARG A 170 8.72 -19.79 -1.26
CA ARG A 170 8.28 -20.35 -2.54
C ARG A 170 8.90 -19.59 -3.71
N VAL A 171 9.20 -18.30 -3.49
CA VAL A 171 9.86 -17.47 -4.49
C VAL A 171 11.26 -17.99 -4.75
N ARG A 172 11.96 -18.40 -3.68
CA ARG A 172 13.33 -18.87 -3.77
C ARG A 172 13.36 -20.23 -4.48
N LYS A 173 12.39 -21.09 -4.17
CA LYS A 173 12.25 -22.34 -4.91
C LYS A 173 12.07 -22.07 -6.41
N LEU A 174 11.30 -21.04 -6.76
CA LEU A 174 11.01 -20.77 -8.17
C LEU A 174 12.21 -20.17 -8.88
N VAL A 175 13.00 -19.32 -8.19
CA VAL A 175 14.18 -18.69 -8.78
C VAL A 175 15.21 -19.74 -9.15
N ALA A 176 15.36 -20.77 -8.31
CA ALA A 176 16.25 -21.89 -8.59
C ALA A 176 15.68 -22.68 -9.78
N GLU A 177 14.41 -23.08 -9.69
CA GLU A 177 13.80 -24.04 -10.61
C GLU A 177 13.45 -23.45 -11.98
N ILE A 178 13.78 -22.18 -12.24
CA ILE A 178 13.40 -21.55 -13.50
C ILE A 178 14.58 -20.76 -14.05
N PRO A 179 15.12 -21.15 -15.23
CA PRO A 179 16.19 -20.38 -15.88
C PRO A 179 15.64 -19.05 -16.40
N GLY A 180 16.52 -18.06 -16.49
CA GLY A 180 16.11 -16.70 -16.79
C GLY A 180 15.55 -15.96 -15.57
N ALA A 181 15.04 -16.70 -14.56
CA ALA A 181 14.21 -16.12 -13.51
C ALA A 181 14.93 -15.00 -12.76
N VAL A 182 14.17 -13.93 -12.46
CA VAL A 182 14.69 -12.68 -11.93
C VAL A 182 13.73 -12.18 -10.85
N TRP A 183 14.27 -11.97 -9.65
CA TRP A 183 13.50 -11.59 -8.48
C TRP A 183 13.87 -10.17 -8.07
N PRO A 184 12.96 -9.19 -8.25
CA PRO A 184 13.27 -7.80 -7.91
C PRO A 184 13.43 -7.55 -6.41
N ASN A 185 12.81 -8.41 -5.61
CA ASN A 185 12.89 -8.38 -4.15
C ASN A 185 12.41 -7.03 -3.61
N GLN A 186 11.08 -6.83 -3.61
CA GLN A 186 10.50 -5.59 -3.07
C GLN A 186 10.87 -5.37 -1.59
N TYR A 187 11.17 -6.46 -0.89
CA TYR A 187 11.33 -6.47 0.57
C TYR A 187 12.68 -5.86 0.96
N GLU A 188 13.69 -6.06 0.11
CA GLU A 188 15.04 -5.58 0.41
C GLU A 188 15.61 -4.66 -0.66
N ASN A 189 14.97 -4.56 -1.84
CA ASN A 189 15.52 -3.79 -2.94
C ASN A 189 15.30 -2.31 -2.67
N ASP A 190 16.41 -1.59 -2.52
CA ASP A 190 16.40 -0.19 -2.15
C ASP A 190 15.69 0.67 -3.20
N ALA A 191 15.44 0.10 -4.39
CA ALA A 191 14.70 0.84 -5.41
C ALA A 191 13.27 1.19 -4.94
N ASN A 192 12.71 0.35 -4.03
CA ASN A 192 11.41 0.52 -3.42
C ASN A 192 11.36 1.83 -2.65
N ARG A 193 12.18 1.95 -1.60
CA ARG A 193 12.23 3.20 -0.82
C ARG A 193 12.62 4.39 -1.70
N HIS A 194 13.56 4.18 -2.62
CA HIS A 194 14.12 5.26 -3.44
C HIS A 194 13.03 5.91 -4.29
N VAL A 195 12.19 5.10 -4.94
CA VAL A 195 11.17 5.69 -5.79
C VAL A 195 10.23 6.60 -4.98
N HIS A 196 9.89 6.23 -3.74
CA HIS A 196 8.98 7.01 -2.91
C HIS A 196 9.69 8.28 -2.40
N GLU A 197 11.00 8.18 -2.13
CA GLU A 197 11.78 9.34 -1.77
C GLU A 197 11.86 10.33 -2.92
N THR A 198 11.98 9.87 -4.19
CA THR A 198 12.32 10.80 -5.26
C THR A 198 11.14 11.15 -6.16
N TRP A 199 10.01 10.46 -6.01
CA TRP A 199 8.86 10.66 -6.87
C TRP A 199 7.63 10.95 -6.01
N THR A 200 7.23 9.98 -5.18
CA THR A 200 5.99 10.10 -4.41
C THR A 200 6.07 11.32 -3.50
N ALA A 201 7.16 11.40 -2.74
CA ALA A 201 7.24 12.37 -1.67
C ALA A 201 7.33 13.81 -2.22
N PRO A 202 8.18 14.12 -3.23
CA PRO A 202 8.17 15.47 -3.84
C PRO A 202 6.85 15.95 -4.45
N GLU A 203 6.12 15.05 -5.12
CA GLU A 203 4.78 15.36 -5.60
C GLU A 203 3.86 15.80 -4.45
N ILE A 204 3.78 14.99 -3.37
CA ILE A 204 2.99 15.36 -2.21
C ILE A 204 3.46 16.72 -1.66
N ASP A 205 4.79 16.86 -1.50
CA ASP A 205 5.38 18.09 -1.00
C ASP A 205 4.94 19.27 -1.87
N ARG A 206 5.08 19.11 -3.19
CA ARG A 206 4.76 20.17 -4.11
C ARG A 206 3.27 20.54 -4.02
N GLN A 207 2.38 19.54 -3.80
CA GLN A 207 0.93 19.79 -3.76
C GLN A 207 0.54 20.46 -2.45
N VAL A 208 1.03 19.98 -1.30
CA VAL A 208 0.43 20.40 -0.03
C VAL A 208 1.49 20.48 1.07
N GLY A 209 2.78 20.54 0.70
CA GLY A 209 3.83 20.56 1.71
C GLY A 209 3.78 21.78 2.62
N GLY A 210 3.33 22.92 2.09
CA GLY A 210 3.21 24.13 2.89
C GLY A 210 2.08 24.06 3.91
N GLU A 211 1.18 23.07 3.77
CA GLU A 211 -0.06 23.03 4.52
C GLU A 211 -0.09 21.86 5.52
N ALA A 212 0.41 20.70 5.09
CA ALA A 212 0.32 19.48 5.88
C ALA A 212 1.25 19.52 7.08
N GLN A 213 0.66 19.45 8.28
CA GLN A 213 1.39 19.38 9.53
C GLN A 213 1.83 17.95 9.84
N ALA A 214 1.18 16.96 9.22
CA ALA A 214 1.53 15.56 9.42
C ALA A 214 1.21 14.76 8.18
N VAL A 215 1.90 13.62 8.06
CA VAL A 215 1.67 12.65 7.01
C VAL A 215 1.53 11.27 7.65
N PHE A 216 0.43 10.59 7.29
CA PHE A 216 0.11 9.26 7.78
C PHE A 216 0.31 8.26 6.66
N VAL A 217 1.02 7.19 6.96
CA VAL A 217 1.42 6.22 5.97
C VAL A 217 1.33 4.81 6.56
N ALA A 218 0.60 3.95 5.85
CA ALA A 218 0.54 2.53 6.16
C ALA A 218 1.84 1.82 5.76
N VAL A 219 2.19 0.79 6.54
CA VAL A 219 3.41 0.02 6.34
C VAL A 219 3.08 -1.44 6.06
N SER A 220 3.84 -2.04 5.12
CA SER A 220 4.03 -3.49 5.04
C SER A 220 5.52 -3.82 4.83
N THR A 221 6.08 -3.50 3.64
CA THR A 221 7.51 -3.56 3.41
C THR A 221 8.19 -2.41 4.13
N GLY A 222 7.46 -1.28 4.27
CA GLY A 222 7.98 -0.05 4.84
C GLY A 222 8.67 0.85 3.81
N GLY A 223 8.63 0.48 2.52
CA GLY A 223 9.37 1.24 1.52
C GLY A 223 8.75 2.61 1.28
N THR A 224 7.41 2.64 1.24
CA THR A 224 6.72 3.90 1.03
C THR A 224 7.08 4.87 2.14
N LEU A 225 6.87 4.45 3.40
CA LEU A 225 7.12 5.38 4.50
C LEU A 225 8.61 5.73 4.54
N ALA A 226 9.50 4.74 4.34
CA ALA A 226 10.94 5.01 4.41
C ALA A 226 11.34 6.06 3.38
N GLY A 227 10.78 5.96 2.17
CA GLY A 227 11.00 6.96 1.12
C GLY A 227 10.45 8.33 1.51
N LEU A 228 9.18 8.39 1.90
CA LEU A 228 8.57 9.66 2.27
C LEU A 228 9.35 10.32 3.41
N ALA A 229 9.71 9.52 4.41
CA ALA A 229 10.42 10.03 5.57
C ALA A 229 11.76 10.63 5.14
N ALA A 230 12.52 9.91 4.30
CA ALA A 230 13.81 10.42 3.83
C ALA A 230 13.62 11.78 3.16
N HIS A 231 12.60 11.93 2.30
CA HIS A 231 12.36 13.23 1.71
C HIS A 231 11.95 14.23 2.77
N PHE A 232 10.94 13.92 3.59
CA PHE A 232 10.36 14.95 4.44
C PHE A 232 11.33 15.37 5.56
N ARG A 233 12.19 14.46 6.07
CA ARG A 233 13.05 14.84 7.18
C ARG A 233 14.06 15.89 6.72
N ARG A 234 14.45 15.84 5.44
CA ARG A 234 15.31 16.85 4.82
C ARG A 234 14.51 18.12 4.55
N ALA A 235 13.40 17.98 3.80
CA ALA A 235 12.75 19.14 3.19
C ALA A 235 11.70 19.80 4.10
N ARG A 236 11.12 19.07 5.08
CA ARG A 236 10.09 19.59 5.96
C ARG A 236 10.22 18.98 7.36
N PRO A 237 11.30 19.28 8.12
CA PRO A 237 11.58 18.57 9.38
C PRO A 237 10.49 18.66 10.45
N ALA A 238 9.73 19.77 10.37
CA ALA A 238 8.65 20.09 11.28
C ALA A 238 7.38 19.25 11.01
N THR A 239 7.26 18.66 9.81
CA THR A 239 6.14 17.77 9.48
C THR A 239 6.25 16.42 10.19
N ARG A 240 5.22 16.06 10.97
CA ARG A 240 5.19 14.79 11.68
C ARG A 240 4.96 13.63 10.71
N LEU A 241 5.79 12.58 10.79
CA LEU A 241 5.62 11.38 10.00
C LEU A 241 5.16 10.25 10.92
N VAL A 242 3.98 9.70 10.60
CA VAL A 242 3.30 8.77 11.50
C VAL A 242 3.05 7.49 10.72
N ALA A 243 3.66 6.40 11.17
CA ALA A 243 3.40 5.08 10.62
C ALA A 243 2.06 4.62 11.20
N VAL A 244 1.25 4.00 10.33
CA VAL A 244 0.07 3.27 10.71
C VAL A 244 0.27 1.80 10.34
N ASP A 245 0.07 0.95 11.34
CA ASP A 245 0.14 -0.49 11.19
C ASP A 245 -1.09 -1.08 11.87
N VAL A 246 -1.28 -2.40 11.73
CA VAL A 246 -2.40 -3.10 12.34
C VAL A 246 -1.92 -4.08 13.41
N GLU A 247 -2.83 -4.43 14.31
CA GLU A 247 -2.63 -5.48 15.29
C GLU A 247 -2.04 -6.73 14.66
N GLY A 248 -0.98 -7.30 15.26
CA GLY A 248 -0.41 -8.56 14.81
C GLY A 248 0.64 -8.40 13.71
N SER A 249 0.94 -7.16 13.31
CA SER A 249 1.99 -6.88 12.33
C SER A 249 3.30 -6.64 13.05
N THR A 250 4.40 -7.17 12.52
CA THR A 250 5.69 -7.05 13.17
C THR A 250 6.69 -6.28 12.32
N VAL A 251 6.16 -5.31 11.55
CA VAL A 251 6.97 -4.37 10.80
C VAL A 251 7.99 -3.69 11.72
N PHE A 252 7.55 -3.36 12.95
CA PHE A 252 8.41 -2.63 13.87
C PHE A 252 8.80 -3.46 15.09
N GLY A 253 8.51 -4.77 15.06
CA GLY A 253 8.83 -5.69 16.13
C GLY A 253 7.57 -6.41 16.59
N GLY A 254 7.74 -7.36 17.52
CA GLY A 254 6.62 -7.98 18.19
C GLY A 254 6.45 -9.43 17.78
N VAL A 255 5.22 -9.93 17.90
CA VAL A 255 4.88 -11.32 17.69
C VAL A 255 3.74 -11.35 16.68
N PRO A 256 3.96 -11.95 15.49
CA PRO A 256 2.95 -11.97 14.44
C PRO A 256 1.66 -12.58 14.94
N GLY A 257 0.53 -11.96 14.56
CA GLY A 257 -0.81 -12.48 14.78
C GLY A 257 -1.61 -12.49 13.48
N GLY A 258 -2.75 -13.19 13.49
CA GLY A 258 -3.60 -13.30 12.32
C GLY A 258 -4.31 -11.97 12.03
N ARG A 259 -4.54 -11.71 10.74
CA ARG A 259 -5.11 -10.44 10.30
C ARG A 259 -6.08 -10.71 9.15
N VAL A 260 -7.15 -9.90 9.08
CA VAL A 260 -8.14 -10.04 8.01
C VAL A 260 -7.83 -9.03 6.90
N LEU A 261 -7.21 -7.89 7.25
CA LEU A 261 -6.83 -6.89 6.27
C LEU A 261 -5.57 -7.32 5.54
N THR A 262 -5.40 -6.74 4.34
CA THR A 262 -4.29 -7.03 3.46
C THR A 262 -3.71 -5.69 3.00
N GLY A 263 -2.53 -5.76 2.36
CA GLY A 263 -1.76 -4.57 2.07
C GLY A 263 -0.97 -4.06 3.27
N ILE A 264 -1.70 -3.58 4.28
CA ILE A 264 -1.10 -3.11 5.52
C ILE A 264 -0.69 -4.31 6.37
N GLY A 265 0.45 -4.19 7.04
CA GLY A 265 0.92 -5.21 7.96
C GLY A 265 1.82 -6.24 7.27
N ALA A 266 2.79 -6.78 8.04
CA ALA A 266 3.73 -7.82 7.63
C ALA A 266 4.15 -8.65 8.85
N SER A 267 4.46 -9.94 8.62
CA SER A 267 5.01 -10.81 9.66
C SER A 267 6.53 -10.78 9.67
N ARG A 268 7.14 -9.67 9.25
CA ARG A 268 8.57 -9.50 9.42
C ARG A 268 8.90 -8.02 9.58
N ARG A 269 10.05 -7.81 10.17
CA ARG A 269 10.54 -6.44 10.36
C ARG A 269 10.94 -5.88 9.01
N SER A 270 10.74 -4.59 8.85
CA SER A 270 11.08 -3.87 7.65
C SER A 270 12.61 -3.77 7.53
N THR A 271 13.09 -4.03 6.32
CA THR A 271 14.47 -3.81 5.92
C THR A 271 14.74 -2.31 5.73
N PHE A 272 13.71 -1.50 5.40
CA PHE A 272 13.93 -0.15 4.86
C PHE A 272 13.96 0.94 5.93
N LEU A 273 13.41 0.59 7.09
CA LEU A 273 12.84 1.54 8.03
C LEU A 273 12.95 0.93 9.42
N THR A 274 13.37 1.73 10.41
CA THR A 274 13.14 1.42 11.81
C THR A 274 12.29 2.52 12.44
N ARG A 275 11.94 2.30 13.72
CA ARG A 275 11.05 3.14 14.50
C ARG A 275 11.64 4.53 14.67
N ALA A 276 12.97 4.62 14.71
CA ALA A 276 13.63 5.91 14.89
C ALA A 276 13.48 6.78 13.64
N GLU A 277 13.10 6.21 12.49
CA GLU A 277 13.02 6.98 11.25
C GLU A 277 11.68 7.72 11.13
N CYS A 278 10.73 7.46 12.03
CA CYS A 278 9.48 8.20 12.04
C CYS A 278 9.20 8.76 13.42
N ASP A 279 8.28 9.72 13.45
CA ASP A 279 7.96 10.48 14.64
C ASP A 279 6.96 9.72 15.52
N ASP A 280 6.04 8.97 14.92
CA ASP A 280 5.10 8.22 15.74
C ASP A 280 4.66 6.97 15.00
N LEU A 281 4.00 6.11 15.76
CA LEU A 281 3.52 4.84 15.26
C LEU A 281 2.22 4.54 15.96
N VAL A 282 1.14 4.35 15.18
CA VAL A 282 -0.15 3.96 15.75
C VAL A 282 -0.63 2.66 15.10
N TYR A 283 -1.10 1.76 15.96
CA TYR A 283 -1.74 0.55 15.50
C TYR A 283 -3.24 0.75 15.62
N VAL A 284 -3.94 0.19 14.65
CA VAL A 284 -5.37 0.38 14.53
C VAL A 284 -6.00 -0.99 14.54
N ARG A 285 -7.09 -1.13 15.28
CA ARG A 285 -7.86 -2.35 15.20
C ARG A 285 -8.52 -2.39 13.83
N GLU A 286 -8.60 -3.60 13.27
CA GLU A 286 -9.04 -3.82 11.91
C GLU A 286 -10.50 -3.41 11.70
N ALA A 287 -11.27 -3.33 12.78
CA ALA A 287 -12.70 -3.09 12.66
C ALA A 287 -12.94 -1.58 12.50
N ALA A 288 -12.07 -0.77 13.10
CA ALA A 288 -12.03 0.67 12.89
C ALA A 288 -11.57 0.99 11.46
N ALA A 289 -10.61 0.22 10.95
CA ALA A 289 -10.18 0.40 9.58
C ALA A 289 -11.36 0.15 8.65
N ILE A 290 -12.09 -0.93 8.94
CA ILE A 290 -13.22 -1.30 8.11
C ILE A 290 -14.31 -0.23 8.25
N ALA A 291 -14.57 0.21 9.48
CA ALA A 291 -15.52 1.26 9.78
C ALA A 291 -15.17 2.56 9.02
N ALA A 292 -13.89 2.94 9.02
CA ALA A 292 -13.43 4.13 8.32
C ALA A 292 -13.79 4.04 6.84
N CYS A 293 -13.52 2.88 6.22
CA CYS A 293 -13.81 2.68 4.81
C CYS A 293 -15.29 2.98 4.51
N HIS A 294 -16.20 2.45 5.34
CA HIS A 294 -17.63 2.51 5.04
C HIS A 294 -18.22 3.88 5.32
N VAL A 295 -17.75 4.50 6.39
CA VAL A 295 -18.31 5.75 6.87
C VAL A 295 -17.83 6.86 5.95
N LEU A 296 -16.55 6.82 5.55
CA LEU A 296 -16.01 7.81 4.63
C LEU A 296 -16.77 7.72 3.30
N ARG A 297 -16.97 6.49 2.82
CA ARG A 297 -17.74 6.27 1.60
C ARG A 297 -19.16 6.85 1.74
N ALA A 298 -19.85 6.51 2.84
CA ALA A 298 -21.22 6.99 3.06
C ALA A 298 -21.26 8.51 3.11
N ASP A 299 -20.26 9.12 3.78
CA ASP A 299 -20.30 10.54 4.05
C ASP A 299 -19.84 11.39 2.86
N THR A 300 -19.00 10.85 1.98
CA THR A 300 -18.32 11.70 1.00
C THR A 300 -18.34 11.09 -0.40
N GLY A 301 -18.67 9.81 -0.49
CA GLY A 301 -18.58 9.11 -1.76
C GLY A 301 -17.15 8.78 -2.17
N ILE A 302 -16.18 8.88 -1.26
CA ILE A 302 -14.82 8.43 -1.53
C ILE A 302 -14.65 7.07 -0.89
N ALA A 303 -14.50 6.04 -1.73
CA ALA A 303 -14.34 4.67 -1.25
C ALA A 303 -12.87 4.30 -1.33
N VAL A 304 -12.20 4.25 -0.17
CA VAL A 304 -10.77 3.94 -0.13
C VAL A 304 -10.57 2.46 0.21
N GLY A 305 -9.31 1.99 -0.01
CA GLY A 305 -8.96 0.60 0.21
C GLY A 305 -8.80 0.31 1.69
N GLY A 306 -8.48 -0.96 2.03
CA GLY A 306 -8.45 -1.40 3.40
C GLY A 306 -7.37 -0.69 4.24
N SER A 307 -6.15 -0.62 3.71
CA SER A 307 -5.05 0.03 4.42
C SER A 307 -5.34 1.51 4.57
N SER A 308 -6.03 2.12 3.57
CA SER A 308 -6.41 3.53 3.60
C SER A 308 -7.38 3.78 4.75
N GLY A 309 -8.40 2.91 4.94
CA GLY A 309 -9.27 3.03 6.10
C GLY A 309 -8.52 2.96 7.42
N ALA A 310 -7.54 2.05 7.52
CA ALA A 310 -6.70 1.93 8.71
C ALA A 310 -5.90 3.24 8.90
N VAL A 311 -5.49 3.86 7.78
CA VAL A 311 -4.77 5.11 7.89
C VAL A 311 -5.71 6.21 8.39
N VAL A 312 -6.95 6.24 7.89
CA VAL A 312 -7.87 7.28 8.33
C VAL A 312 -8.21 7.08 9.81
N ALA A 313 -8.52 5.84 10.23
CA ALA A 313 -8.77 5.52 11.62
C ALA A 313 -7.58 5.94 12.48
N GLY A 314 -6.37 5.65 12.01
CA GLY A 314 -5.17 5.97 12.76
C GLY A 314 -4.99 7.47 12.92
N ALA A 315 -5.29 8.22 11.86
CA ALA A 315 -5.24 9.66 11.94
C ALA A 315 -6.32 10.17 12.92
N LEU A 316 -7.52 9.57 12.95
CA LEU A 316 -8.51 10.03 13.92
C LEU A 316 -7.96 9.91 15.34
N ASP A 317 -7.41 8.74 15.69
CA ASP A 317 -6.75 8.53 16.98
C ASP A 317 -5.63 9.54 17.24
N HIS A 318 -4.73 9.74 16.28
CA HIS A 318 -3.56 10.55 16.49
C HIS A 318 -3.96 12.01 16.70
N LEU A 319 -4.91 12.53 15.90
CA LEU A 319 -5.33 13.92 15.99
C LEU A 319 -6.05 14.20 17.32
N ALA A 320 -6.74 13.19 17.86
CA ALA A 320 -7.45 13.36 19.11
C ALA A 320 -6.43 13.63 20.22
N ALA A 321 -5.23 13.05 20.11
CA ALA A 321 -4.18 13.21 21.10
C ALA A 321 -3.34 14.45 20.81
N HIS A 322 -3.56 15.13 19.68
CA HIS A 322 -2.74 16.26 19.27
C HIS A 322 -3.62 17.43 18.82
N PRO A 323 -4.15 18.24 19.77
CA PRO A 323 -5.04 19.35 19.46
C PRO A 323 -4.50 20.35 18.44
N GLY A 324 -3.18 20.55 18.42
CA GLY A 324 -2.54 21.50 17.54
C GLY A 324 -2.41 21.01 16.09
N LEU A 325 -2.63 19.71 15.84
CA LEU A 325 -2.59 19.18 14.48
C LEU A 325 -3.96 19.25 13.84
N THR A 326 -4.13 20.14 12.86
CA THR A 326 -5.43 20.34 12.24
C THR A 326 -5.41 20.08 10.73
N THR A 327 -4.23 19.90 10.11
CA THR A 327 -4.19 19.47 8.71
C THR A 327 -3.17 18.34 8.52
N ALA A 328 -3.58 17.23 7.88
CA ALA A 328 -2.69 16.08 7.71
C ALA A 328 -2.98 15.42 6.38
N VAL A 329 -1.93 14.90 5.75
CA VAL A 329 -2.07 13.99 4.63
C VAL A 329 -2.28 12.58 5.16
N CYS A 330 -3.26 11.90 4.53
CA CYS A 330 -3.40 10.46 4.54
C CYS A 330 -3.00 9.88 3.17
N VAL A 331 -1.91 9.14 3.16
CA VAL A 331 -1.55 8.43 1.95
C VAL A 331 -2.48 7.23 1.84
N CYS A 332 -3.30 7.22 0.77
CA CYS A 332 -4.25 6.16 0.51
C CYS A 332 -3.74 5.29 -0.63
N ALA A 333 -3.32 4.07 -0.29
CA ALA A 333 -2.55 3.22 -1.19
C ALA A 333 -3.37 2.76 -2.39
N ASP A 334 -4.67 2.57 -2.17
CA ASP A 334 -5.58 2.13 -3.22
C ASP A 334 -7.03 2.47 -2.83
N LEU A 335 -7.97 2.05 -3.71
CA LEU A 335 -9.38 2.42 -3.54
C LEU A 335 -10.21 1.17 -3.34
N GLY A 336 -11.49 1.43 -3.02
CA GLY A 336 -12.40 0.44 -2.47
C GLY A 336 -12.87 -0.60 -3.47
N GLU A 337 -12.81 -0.27 -4.76
CA GLU A 337 -13.09 -1.22 -5.84
C GLU A 337 -12.18 -2.46 -5.74
N ASN A 338 -10.99 -2.34 -5.14
CA ASN A 338 -10.08 -3.47 -4.96
C ASN A 338 -10.55 -4.42 -3.85
N TYR A 339 -11.52 -4.01 -3.02
CA TYR A 339 -11.97 -4.77 -1.87
C TYR A 339 -13.48 -5.04 -1.92
N ALA A 340 -14.06 -5.06 -3.13
CA ALA A 340 -15.50 -5.15 -3.31
C ALA A 340 -16.06 -6.51 -2.89
N ARG A 341 -15.21 -7.55 -2.71
CA ARG A 341 -15.67 -8.86 -2.26
C ARG A 341 -15.04 -9.23 -0.92
N THR A 342 -14.47 -8.25 -0.21
CA THR A 342 -14.07 -8.41 1.17
C THR A 342 -14.64 -7.25 1.99
N VAL A 343 -13.82 -6.18 2.16
CA VAL A 343 -14.10 -5.11 3.10
C VAL A 343 -15.47 -4.47 2.84
N TYR A 344 -15.90 -4.37 1.58
CA TYR A 344 -17.21 -3.82 1.27
C TYR A 344 -18.29 -4.88 0.97
N ASP A 345 -18.02 -6.16 1.28
CA ASP A 345 -18.97 -7.24 1.00
C ASP A 345 -19.72 -7.60 2.29
N PRO A 346 -21.06 -7.43 2.35
CA PRO A 346 -21.84 -7.79 3.53
C PRO A 346 -21.60 -9.22 4.03
N ASP A 347 -21.32 -10.16 3.11
CA ASP A 347 -21.20 -11.59 3.43
C ASP A 347 -19.83 -11.90 4.04
N TRP A 348 -18.76 -11.25 3.55
CA TRP A 348 -17.44 -11.34 4.14
C TRP A 348 -17.39 -10.69 5.53
N LEU A 349 -18.21 -9.65 5.74
CA LEU A 349 -18.25 -8.94 7.01
C LEU A 349 -18.98 -9.72 8.09
N ALA A 350 -19.91 -10.60 7.68
CA ALA A 350 -20.82 -11.27 8.62
C ALA A 350 -20.04 -12.15 9.59
N PRO A 351 -19.12 -13.03 9.11
CA PRO A 351 -18.21 -13.78 9.99
C PRO A 351 -17.31 -12.95 10.93
N LEU A 352 -17.27 -11.62 10.75
CA LEU A 352 -16.48 -10.77 11.63
C LEU A 352 -17.40 -10.00 12.59
N ARG A 353 -18.72 -10.26 12.52
CA ARG A 353 -19.69 -9.61 13.39
C ARG A 353 -19.81 -8.12 13.05
N LEU A 354 -19.77 -7.77 11.75
CA LEU A 354 -19.86 -6.38 11.33
C LEU A 354 -20.93 -6.26 10.24
N THR A 355 -21.71 -5.18 10.30
CA THR A 355 -22.62 -4.78 9.24
C THR A 355 -21.90 -3.88 8.23
N ASP A 356 -22.61 -3.54 7.15
CA ASP A 356 -22.22 -2.45 6.25
C ASP A 356 -23.15 -1.25 6.49
N ASP A 357 -23.69 -1.15 7.71
CA ASP A 357 -24.55 -0.02 8.08
C ASP A 357 -23.63 1.10 8.56
N PRO A 358 -23.51 2.21 7.79
CA PRO A 358 -22.68 3.34 8.19
C PRO A 358 -22.94 3.86 9.59
N GLY A 359 -24.20 3.77 10.06
CA GLY A 359 -24.59 4.35 11.34
C GLY A 359 -24.00 3.57 12.50
N LEU A 360 -24.13 2.24 12.44
CA LEU A 360 -23.55 1.34 13.43
C LEU A 360 -22.01 1.43 13.41
N LEU A 361 -21.43 1.45 12.20
CA LEU A 361 -19.97 1.46 12.07
C LEU A 361 -19.38 2.80 12.53
N ARG A 362 -20.14 3.90 12.45
CA ARG A 362 -19.70 5.18 12.97
C ARG A 362 -19.43 5.13 14.48
N SER A 363 -20.10 4.22 15.19
CA SER A 363 -19.86 4.01 16.61
C SER A 363 -18.46 3.43 16.86
N ARG A 364 -17.86 2.81 15.84
CA ARG A 364 -16.52 2.26 15.96
C ARG A 364 -15.45 3.35 15.76
N LEU A 365 -15.87 4.59 15.45
CA LEU A 365 -14.99 5.71 15.17
C LEU A 365 -15.29 6.85 16.12
N ARG A 366 -16.03 6.55 17.19
CA ARG A 366 -16.39 7.57 18.19
C ARG A 366 -17.28 8.65 17.57
N GLY A 367 -18.14 8.28 16.63
CA GLY A 367 -19.07 9.26 16.09
C GLY A 367 -18.48 10.18 15.02
N ALA A 368 -17.27 9.88 14.49
CA ALA A 368 -16.62 10.75 13.50
C ALA A 368 -17.50 10.95 12.27
N ARG A 369 -17.61 12.19 11.81
CA ARG A 369 -18.39 12.52 10.61
C ARG A 369 -17.54 13.32 9.62
N PHE A 370 -17.50 12.83 8.37
CA PHE A 370 -16.70 13.41 7.30
C PHE A 370 -17.57 14.28 6.40
N HIS A 371 -16.95 15.33 5.86
CA HIS A 371 -17.59 16.18 4.89
C HIS A 371 -16.55 16.61 3.87
N HIS A 372 -17.00 17.02 2.69
CA HIS A 372 -16.15 17.73 1.74
C HIS A 372 -15.75 19.12 2.29
N ALA A 373 -14.47 19.50 2.14
CA ALA A 373 -13.97 20.78 2.65
C ALA A 373 -14.49 21.95 1.80
#